data_9FWQ
#
_entry.id   9FWQ
#
_cell.length_a   61.906
_cell.length_b   70.768
_cell.length_c   108.648
_cell.angle_alpha   90
_cell.angle_beta   90
_cell.angle_gamma   90
#
_symmetry.space_group_name_H-M   'P 21 21 21'
#
loop_
_entity.id
_entity.type
_entity.pdbx_description
1 polymer 'Non-structural protein 10'
2 polymer 'Guanine-N7 methyltransferase nsp14'
3 non-polymer 'ZINC ION'
4 non-polymer 5,6,7,8-tetrahydro-[1,2,4]triazolo[4,3-a]pyridine
5 non-polymer 'MAGNESIUM ION'
6 water water
#
loop_
_entity_poly.entity_id
_entity_poly.type
_entity_poly.pdbx_seq_one_letter_code
_entity_poly.pdbx_strand_id
1 'polypeptide(L)'
;AGNATEVPANSTVLSFCAFAVDAAKAYKDYLASGGQPITNCVKMLCTHTGTGQAITVTPEANMDQESFGGASCCLYCRCH
IDHPNPKGFCDLKGKYVQIPTTCANDPVGFTLKNTVCTVCGMWKGYGCSCD
;
A
2 'polypeptide(L)'
;MAENVTGLFKDCSKVITGLHPTQAPTHLSVDTKFKTEGLCVDIPGIPKDMTYRRLISMMGFKMNYQVNGYPNMFITREEA
IRHVRAWIGFDVEGCHATREAVGTNLPLQLGFSTGVNLVAVPTGYVDTPNNTDFSRVSAKPPPGDQFKHLIPLMYKGLPW
NVVRIKIVQMLSDTLKNLSDRVVFVLWAHGFELTSMKYFVKIGPERTCCLCDRRATCFSTASDTYACWHHSIGFDYVYNP
FMIDVQQWGFTGNLQSNHDLYCQVHGNAHVASCDAIMTRCLAVHECFVKR
;
B
#
loop_
_chem_comp.id
_chem_comp.type
_chem_comp.name
_chem_comp.formula
A1IGJ non-polymer 5,6,7,8-tetrahydro-[1,2,4]triazolo[4,3-a]pyridine 'C6 H9 N3'
MG non-polymer 'MAGNESIUM ION' 'Mg 2'
ZN non-polymer 'ZINC ION' 'Zn 2'
#
# COMPACT_ATOMS: atom_id res chain seq x y z
N ALA A 1 8.21 15.85 9.21
CA ALA A 1 7.91 15.20 10.48
C ALA A 1 7.86 13.69 10.28
N GLY A 2 8.18 12.93 11.32
CA GLY A 2 8.15 11.47 11.23
C GLY A 2 9.50 10.84 10.95
N ASN A 3 9.59 9.53 11.11
CA ASN A 3 10.84 8.80 10.95
C ASN A 3 10.74 7.73 9.87
N ALA A 4 11.61 7.81 8.85
CA ALA A 4 11.61 6.84 7.76
C ALA A 4 11.81 5.41 8.25
N THR A 5 11.07 4.48 7.68
CA THR A 5 11.18 3.08 8.04
CA THR A 5 11.22 3.06 8.04
C THR A 5 11.83 2.29 6.89
N GLU A 6 11.71 2.79 5.62
CA GLU A 6 12.20 2.07 4.45
C GLU A 6 13.28 2.74 3.59
N VAL A 7 13.95 1.91 2.75
CA VAL A 7 14.99 2.29 1.80
C VAL A 7 14.41 2.23 0.37
N PRO A 8 14.93 3.06 -0.57
CA PRO A 8 14.33 3.09 -1.93
C PRO A 8 14.40 1.77 -2.71
N ALA A 9 15.32 0.88 -2.37
CA ALA A 9 15.43 -0.42 -3.04
C ALA A 9 14.21 -1.33 -2.82
N ASN A 10 13.41 -1.06 -1.77
CA ASN A 10 12.23 -1.87 -1.47
C ASN A 10 10.91 -1.29 -2.01
N SER A 11 10.89 -0.03 -2.44
CA SER A 11 9.69 0.65 -2.94
C SER A 11 8.87 -0.14 -3.98
N THR A 12 9.52 -0.65 -5.05
CA THR A 12 8.82 -1.37 -6.10
C THR A 12 8.10 -2.62 -5.58
N VAL A 13 8.81 -3.49 -4.88
CA VAL A 13 8.24 -4.74 -4.38
C VAL A 13 7.19 -4.52 -3.32
N LEU A 14 7.42 -3.56 -2.41
CA LEU A 14 6.46 -3.29 -1.35
C LEU A 14 5.21 -2.65 -1.93
N SER A 15 5.34 -1.74 -2.90
CA SER A 15 4.17 -1.11 -3.53
C SER A 15 3.33 -2.13 -4.29
N PHE A 16 3.97 -3.04 -5.02
CA PHE A 16 3.31 -4.07 -5.80
C PHE A 16 2.51 -5.02 -4.88
N CYS A 17 3.17 -5.55 -3.81
CA CYS A 17 2.55 -6.45 -2.86
C CYS A 17 1.52 -5.77 -1.95
N ALA A 18 1.66 -4.45 -1.71
CA ALA A 18 0.70 -3.69 -0.92
C ALA A 18 -0.65 -3.49 -1.64
N PHE A 19 -0.64 -3.52 -2.99
CA PHE A 19 -1.85 -3.37 -3.77
C PHE A 19 -2.44 -4.72 -4.21
N ALA A 20 -1.67 -5.82 -4.17
CA ALA A 20 -2.14 -7.12 -4.65
C ALA A 20 -3.34 -7.76 -3.91
N VAL A 21 -4.19 -8.51 -4.64
CA VAL A 21 -5.29 -9.24 -4.00
CA VAL A 21 -5.30 -9.26 -4.04
C VAL A 21 -4.69 -10.37 -3.16
N ASP A 22 -3.70 -11.09 -3.73
CA ASP A 22 -2.94 -12.19 -3.16
C ASP A 22 -1.49 -11.72 -3.14
N ALA A 23 -1.05 -11.14 -2.01
CA ALA A 23 0.29 -10.61 -1.81
C ALA A 23 1.35 -11.70 -1.80
N ALA A 24 1.03 -12.88 -1.25
CA ALA A 24 1.99 -13.98 -1.21
C ALA A 24 2.33 -14.44 -2.62
N LYS A 25 1.29 -14.63 -3.48
CA LYS A 25 1.49 -15.02 -4.89
C LYS A 25 2.23 -13.89 -5.61
N ALA A 26 1.87 -12.63 -5.32
CA ALA A 26 2.55 -11.47 -5.91
C ALA A 26 4.05 -11.47 -5.61
N TYR A 27 4.46 -11.72 -4.35
CA TYR A 27 5.89 -11.74 -4.02
C TYR A 27 6.63 -12.88 -4.71
N LYS A 28 6.04 -14.09 -4.71
CA LYS A 28 6.69 -15.23 -5.38
C LYS A 28 6.79 -14.96 -6.89
N ASP A 29 5.77 -14.31 -7.49
CA ASP A 29 5.82 -14.00 -8.93
C ASP A 29 6.85 -12.89 -9.20
N TYR A 30 7.01 -11.96 -8.27
CA TYR A 30 7.99 -10.87 -8.34
C TYR A 30 9.39 -11.47 -8.35
N LEU A 31 9.68 -12.41 -7.43
CA LEU A 31 10.97 -13.07 -7.39
C LEU A 31 11.18 -13.89 -8.66
N ALA A 32 10.16 -14.64 -9.12
CA ALA A 32 10.25 -15.48 -10.32
C ALA A 32 10.50 -14.65 -11.58
N SER A 33 10.08 -13.37 -11.59
CA SER A 33 10.34 -12.46 -12.71
C SER A 33 11.68 -11.71 -12.56
N GLY A 34 12.59 -12.21 -11.72
CA GLY A 34 13.90 -11.63 -11.53
C GLY A 34 14.01 -10.48 -10.53
N GLY A 35 12.92 -10.16 -9.86
CA GLY A 35 12.91 -9.07 -8.89
C GLY A 35 13.77 -9.35 -7.68
N GLN A 36 14.38 -8.29 -7.10
CA GLN A 36 15.23 -8.45 -5.92
C GLN A 36 14.47 -8.74 -4.63
N PRO A 37 15.05 -9.60 -3.79
CA PRO A 37 14.39 -9.90 -2.50
C PRO A 37 14.31 -8.66 -1.61
N ILE A 38 13.28 -8.62 -0.74
CA ILE A 38 13.11 -7.54 0.21
C ILE A 38 14.35 -7.45 1.13
N THR A 39 14.96 -6.28 1.22
CA THR A 39 16.13 -6.08 2.06
C THR A 39 15.73 -5.26 3.31
N ASN A 40 16.69 -4.76 4.13
CA ASN A 40 16.40 -3.94 5.30
C ASN A 40 15.72 -4.74 6.41
N CYS A 41 15.98 -6.07 6.47
CA CYS A 41 15.44 -6.92 7.53
C CYS A 41 16.23 -6.67 8.84
N VAL A 42 15.74 -7.15 9.98
CA VAL A 42 16.41 -7.00 11.27
C VAL A 42 17.32 -8.21 11.53
N LYS A 43 18.55 -8.16 11.03
CA LYS A 43 19.51 -9.25 11.19
C LYS A 43 20.19 -9.10 12.53
N MET A 44 20.25 -10.17 13.31
CA MET A 44 20.82 -10.16 14.66
C MET A 44 22.28 -10.57 14.78
N LEU A 45 23.01 -9.85 15.63
CA LEU A 45 24.37 -10.19 15.99
C LEU A 45 24.16 -11.14 17.16
N CYS A 46 24.46 -12.42 16.97
CA CYS A 46 24.23 -13.43 18.00
C CYS A 46 25.41 -14.39 18.12
N THR A 47 25.45 -15.22 19.19
CA THR A 47 26.57 -16.13 19.41
C THR A 47 26.60 -17.33 18.46
N HIS A 48 25.47 -17.66 17.81
CA HIS A 48 25.37 -18.84 16.95
C HIS A 48 25.58 -20.15 17.73
N THR A 49 25.29 -20.14 19.03
CA THR A 49 25.31 -21.31 19.91
C THR A 49 23.88 -21.54 20.45
N GLY A 50 22.86 -21.30 19.62
CA GLY A 50 21.46 -21.45 19.98
C GLY A 50 20.90 -22.80 19.63
N THR A 51 19.67 -23.07 20.06
CA THR A 51 18.99 -24.36 19.87
C THR A 51 18.72 -24.73 18.42
N GLY A 52 18.58 -23.75 17.55
CA GLY A 52 18.26 -24.01 16.15
C GLY A 52 16.78 -24.04 15.86
N GLN A 53 15.91 -23.79 16.87
CA GLN A 53 14.47 -23.76 16.66
C GLN A 53 14.08 -22.63 15.68
N ALA A 54 12.97 -22.78 14.95
CA ALA A 54 12.56 -21.82 13.95
C ALA A 54 12.03 -20.47 14.48
N ILE A 55 11.07 -20.47 15.41
CA ILE A 55 10.49 -19.22 15.93
C ILE A 55 10.67 -19.23 17.45
N THR A 56 11.49 -18.29 17.95
CA THR A 56 11.89 -18.26 19.37
C THR A 56 11.70 -16.89 20.06
N VAL A 57 11.70 -16.86 21.41
CA VAL A 57 11.53 -15.61 22.14
C VAL A 57 12.85 -14.78 22.17
N THR A 58 14.01 -15.44 22.03
CA THR A 58 15.33 -14.83 21.96
C THR A 58 16.08 -15.44 20.74
N PRO A 59 17.14 -14.80 20.17
CA PRO A 59 17.81 -15.42 19.02
C PRO A 59 18.42 -16.78 19.39
N GLU A 60 18.07 -17.80 18.61
CA GLU A 60 18.50 -19.18 18.82
C GLU A 60 19.19 -19.74 17.59
N ALA A 61 19.90 -18.91 16.81
CA ALA A 61 20.59 -19.39 15.62
C ALA A 61 21.72 -20.35 15.97
N ASN A 62 21.92 -21.38 15.14
CA ASN A 62 23.07 -22.27 15.34
C ASN A 62 24.19 -21.84 14.35
N MET A 63 25.22 -22.69 14.13
CA MET A 63 26.29 -22.30 13.21
C MET A 63 25.85 -22.30 11.73
N ASP A 64 24.69 -22.92 11.41
CA ASP A 64 24.19 -22.93 10.03
C ASP A 64 22.97 -22.01 9.82
N GLN A 65 22.74 -21.05 10.74
CA GLN A 65 21.58 -20.16 10.63
C GLN A 65 21.92 -18.70 10.90
N GLU A 66 21.02 -17.80 10.48
CA GLU A 66 21.05 -16.39 10.79
C GLU A 66 19.76 -16.11 11.59
N SER A 67 19.83 -15.27 12.63
CA SER A 67 18.64 -14.89 13.39
C SER A 67 18.14 -13.54 12.90
N PHE A 68 16.82 -13.39 12.81
CA PHE A 68 16.23 -12.13 12.41
C PHE A 68 15.05 -11.79 13.32
N GLY A 69 14.69 -10.51 13.41
CA GLY A 69 13.49 -10.10 14.13
C GLY A 69 12.32 -10.52 13.26
N GLY A 70 11.34 -11.18 13.85
CA GLY A 70 10.19 -11.77 13.15
C GLY A 70 9.34 -10.87 12.28
N ALA A 71 8.98 -9.66 12.76
CA ALA A 71 8.16 -8.75 11.96
C ALA A 71 8.84 -8.40 10.63
N SER A 72 10.18 -8.28 10.66
CA SER A 72 10.97 -7.94 9.48
C SER A 72 11.05 -9.04 8.42
N CYS A 73 10.66 -10.27 8.80
CA CYS A 73 10.62 -11.44 7.92
C CYS A 73 9.22 -11.79 7.44
N CYS A 74 8.23 -10.96 7.75
CA CYS A 74 6.86 -11.22 7.42
C CYS A 74 6.40 -10.27 6.33
N LEU A 75 6.01 -10.81 5.16
CA LEU A 75 5.52 -10.00 4.05
C LEU A 75 4.33 -9.10 4.45
N TYR A 76 3.44 -9.60 5.28
CA TYR A 76 2.27 -8.86 5.74
C TYR A 76 2.63 -7.70 6.65
N CYS A 77 3.64 -7.89 7.52
CA CYS A 77 4.17 -6.85 8.42
C CYS A 77 4.94 -5.81 7.58
N ARG A 78 5.72 -6.26 6.57
CA ARG A 78 6.52 -5.39 5.73
C ARG A 78 5.68 -4.50 4.83
N CYS A 79 4.54 -5.02 4.37
CA CYS A 79 3.62 -4.31 3.48
C CYS A 79 2.49 -3.61 4.19
N HIS A 80 2.34 -3.81 5.51
CA HIS A 80 1.31 -3.19 6.32
C HIS A 80 -0.07 -3.55 5.82
N ILE A 81 -0.24 -4.84 5.46
CA ILE A 81 -1.49 -5.39 4.96
C ILE A 81 -2.08 -6.44 5.94
N ASP A 82 -3.33 -6.87 5.69
CA ASP A 82 -4.01 -7.89 6.47
C ASP A 82 -3.21 -9.19 6.51
N HIS A 83 -3.20 -9.86 7.66
CA HIS A 83 -2.57 -11.18 7.78
C HIS A 83 -3.60 -12.22 7.31
N PRO A 84 -3.17 -13.27 6.61
CA PRO A 84 -4.13 -14.20 6.00
C PRO A 84 -4.80 -15.24 6.91
N ASN A 85 -5.36 -14.81 8.04
CA ASN A 85 -6.10 -15.70 8.92
C ASN A 85 -7.31 -14.97 9.55
N PRO A 86 -8.37 -15.69 9.95
CA PRO A 86 -9.57 -15.00 10.49
C PRO A 86 -9.29 -14.05 11.66
N LYS A 87 -8.39 -14.45 12.58
CA LYS A 87 -8.04 -13.59 13.72
C LYS A 87 -7.20 -12.36 13.32
N GLY A 88 -6.51 -12.45 12.18
CA GLY A 88 -5.69 -11.37 11.65
C GLY A 88 -4.43 -11.10 12.43
N PHE A 89 -3.89 -12.14 13.07
CA PHE A 89 -2.70 -11.97 13.90
C PHE A 89 -1.47 -12.63 13.30
N CYS A 90 -0.29 -12.14 13.72
CA CYS A 90 0.97 -12.62 13.21
C CYS A 90 1.66 -13.63 14.14
N ASP A 91 2.27 -14.66 13.56
CA ASP A 91 3.03 -15.63 14.33
C ASP A 91 4.53 -15.29 14.39
N LEU A 92 5.00 -14.32 13.58
CA LEU A 92 6.41 -13.96 13.57
C LEU A 92 6.68 -12.71 14.37
N LYS A 93 5.77 -11.73 14.31
CA LYS A 93 5.91 -10.46 15.00
C LYS A 93 5.94 -10.68 16.51
N GLY A 94 6.93 -10.10 17.17
CA GLY A 94 7.12 -10.32 18.60
C GLY A 94 8.00 -11.51 18.93
N LYS A 95 8.51 -12.20 17.91
CA LYS A 95 9.41 -13.35 18.06
C LYS A 95 10.65 -13.15 17.15
N TYR A 96 11.63 -14.04 17.27
CA TYR A 96 12.82 -14.07 16.44
C TYR A 96 12.71 -15.28 15.53
N VAL A 97 13.19 -15.16 14.28
CA VAL A 97 13.14 -16.25 13.32
C VAL A 97 14.55 -16.69 12.91
N GLN A 98 14.77 -17.98 12.92
CA GLN A 98 16.03 -18.56 12.50
C GLN A 98 15.87 -18.99 11.05
N ILE A 99 16.72 -18.49 10.17
CA ILE A 99 16.70 -18.77 8.75
C ILE A 99 18.01 -19.48 8.38
N PRO A 100 17.99 -20.58 7.60
CA PRO A 100 19.28 -21.21 7.17
C PRO A 100 20.19 -20.20 6.48
N THR A 101 21.50 -20.25 6.72
CA THR A 101 22.43 -19.28 6.12
C THR A 101 22.33 -19.23 4.59
N THR A 102 22.10 -20.40 3.96
CA THR A 102 21.97 -20.48 2.51
C THR A 102 20.75 -19.71 1.99
N CYS A 103 19.72 -19.49 2.82
CA CYS A 103 18.51 -18.76 2.43
C CYS A 103 18.42 -17.35 3.05
N ALA A 104 19.47 -16.87 3.73
CA ALA A 104 19.43 -15.56 4.41
C ALA A 104 19.37 -14.36 3.47
N ASN A 105 19.58 -14.58 2.17
CA ASN A 105 19.44 -13.54 1.15
C ASN A 105 17.96 -13.14 0.97
N ASP A 106 17.02 -14.03 1.31
CA ASP A 106 15.59 -13.73 1.20
C ASP A 106 14.79 -14.24 2.41
N PRO A 107 14.97 -13.63 3.60
CA PRO A 107 14.19 -14.07 4.77
C PRO A 107 12.67 -13.98 4.61
N VAL A 108 12.14 -12.95 3.92
CA VAL A 108 10.68 -12.84 3.75
C VAL A 108 10.13 -14.01 2.89
N GLY A 109 10.86 -14.33 1.82
CA GLY A 109 10.49 -15.41 0.91
C GLY A 109 10.61 -16.77 1.55
N PHE A 110 11.58 -16.94 2.46
CA PHE A 110 11.77 -18.19 3.16
C PHE A 110 10.58 -18.50 4.08
N THR A 111 10.18 -17.54 4.93
CA THR A 111 9.05 -17.76 5.83
C THR A 111 7.73 -17.94 5.07
N LEU A 112 7.59 -17.28 3.89
CA LEU A 112 6.40 -17.39 3.06
C LEU A 112 6.21 -18.83 2.52
N LYS A 113 7.30 -19.44 2.06
CA LYS A 113 7.29 -20.75 1.41
C LYS A 113 7.47 -21.95 2.33
N ASN A 114 7.98 -21.76 3.54
CA ASN A 114 8.29 -22.87 4.42
C ASN A 114 7.37 -23.00 5.64
N THR A 115 7.35 -24.21 6.26
CA THR A 115 6.53 -24.46 7.44
C THR A 115 7.36 -25.00 8.59
N VAL A 116 6.91 -24.72 9.81
CA VAL A 116 7.59 -25.17 11.01
C VAL A 116 6.96 -26.51 11.47
N CYS A 117 7.78 -27.50 11.86
CA CYS A 117 7.23 -28.75 12.37
C CYS A 117 6.63 -28.48 13.76
N THR A 118 5.36 -28.84 13.93
CA THR A 118 4.67 -28.63 15.21
C THR A 118 5.22 -29.50 16.35
N VAL A 119 5.84 -30.63 16.02
CA VAL A 119 6.39 -31.54 17.02
C VAL A 119 7.76 -31.11 17.57
N CYS A 120 8.74 -30.87 16.69
CA CYS A 120 10.09 -30.52 17.13
C CYS A 120 10.46 -29.02 17.02
N GLY A 121 9.59 -28.20 16.44
CA GLY A 121 9.86 -26.77 16.30
C GLY A 121 10.93 -26.37 15.29
N MET A 122 11.40 -27.31 14.46
CA MET A 122 12.40 -26.98 13.44
C MET A 122 11.73 -26.83 12.07
N TRP A 123 12.34 -26.08 11.14
CA TRP A 123 11.78 -25.91 9.79
C TRP A 123 11.77 -27.25 9.04
N LYS A 124 10.69 -27.52 8.26
CA LYS A 124 10.63 -28.75 7.48
C LYS A 124 11.61 -28.66 6.31
N GLY A 125 12.42 -29.70 6.13
CA GLY A 125 13.45 -29.74 5.10
C GLY A 125 14.74 -29.02 5.51
N TYR A 126 14.74 -28.36 6.69
CA TYR A 126 15.89 -27.59 7.16
C TYR A 126 16.10 -27.76 8.69
N GLY A 127 16.25 -29.01 9.11
CA GLY A 127 16.50 -29.29 10.52
C GLY A 127 15.47 -30.18 11.18
N CYS A 128 14.29 -30.36 10.56
CA CYS A 128 13.26 -31.22 11.15
C CYS A 128 13.73 -32.67 11.18
N SER A 129 13.93 -33.21 12.39
CA SER A 129 14.40 -34.59 12.56
C SER A 129 13.28 -35.64 12.44
N CYS A 130 12.01 -35.21 12.43
CA CYS A 130 10.87 -36.12 12.31
C CYS A 130 10.72 -36.68 10.88
N ASP A 131 10.00 -37.78 10.73
CA ASP A 131 9.73 -38.41 9.43
C ASP A 131 8.26 -38.26 9.06
N ASN B 4 20.45 6.47 2.08
CA ASN B 4 19.22 6.96 1.44
C ASN B 4 17.97 6.27 2.01
N VAL B 5 16.90 7.05 2.22
CA VAL B 5 15.63 6.56 2.73
C VAL B 5 14.46 7.07 1.86
N THR B 6 13.29 6.45 2.00
CA THR B 6 12.10 6.90 1.29
C THR B 6 11.02 7.36 2.32
N GLY B 7 10.03 8.09 1.84
CA GLY B 7 8.89 8.48 2.66
C GLY B 7 7.82 7.39 2.73
N LEU B 8 7.94 6.33 1.90
CA LEU B 8 6.97 5.24 1.90
C LEU B 8 7.09 4.46 3.19
N PHE B 9 5.96 4.32 3.88
CA PHE B 9 5.85 3.62 5.16
C PHE B 9 6.56 4.35 6.28
N LYS B 10 6.70 5.70 6.16
CA LYS B 10 7.30 6.53 7.21
C LYS B 10 6.46 6.40 8.48
N ASP B 11 7.14 6.23 9.61
CA ASP B 11 6.46 6.13 10.89
C ASP B 11 6.10 7.56 11.31
N CYS B 12 4.82 7.82 11.45
CA CYS B 12 4.33 9.15 11.80
C CYS B 12 3.94 9.31 13.27
N SER B 13 4.29 8.35 14.14
CA SER B 13 3.95 8.47 15.56
C SER B 13 4.81 9.55 16.25
N LYS B 14 4.40 9.97 17.45
CA LYS B 14 5.18 10.93 18.22
C LYS B 14 6.04 10.24 19.31
N VAL B 15 6.15 8.90 19.29
CA VAL B 15 6.94 8.15 20.24
C VAL B 15 8.42 8.47 19.98
N ILE B 16 9.15 8.87 21.04
CA ILE B 16 10.55 9.25 20.94
C ILE B 16 11.49 8.05 20.77
N THR B 17 11.05 6.84 21.17
CA THR B 17 11.86 5.64 21.01
C THR B 17 11.47 4.85 19.74
N GLY B 18 12.39 4.03 19.25
CA GLY B 18 12.14 3.15 18.12
C GLY B 18 11.51 1.84 18.56
N LEU B 19 11.46 0.84 17.67
CA LEU B 19 10.86 -0.44 17.98
C LEU B 19 11.85 -1.50 18.47
N HIS B 20 11.33 -2.46 19.23
CA HIS B 20 12.08 -3.62 19.71
C HIS B 20 12.46 -4.47 18.47
N PRO B 21 13.64 -5.14 18.44
CA PRO B 21 14.01 -5.92 17.24
C PRO B 21 12.97 -6.91 16.72
N THR B 22 12.13 -7.48 17.61
CA THR B 22 11.11 -8.44 17.21
C THR B 22 9.87 -7.79 16.60
N GLN B 23 9.66 -6.48 16.86
CA GLN B 23 8.45 -5.78 16.40
C GLN B 23 8.69 -4.82 15.24
N ALA B 24 9.93 -4.37 15.07
CA ALA B 24 10.31 -3.46 14.00
C ALA B 24 10.17 -4.14 12.64
N PRO B 25 9.42 -3.53 11.71
CA PRO B 25 9.34 -4.12 10.38
C PRO B 25 10.67 -4.05 9.63
N THR B 26 11.54 -3.11 9.97
CA THR B 26 12.83 -2.93 9.29
C THR B 26 13.97 -2.63 10.26
N HIS B 27 15.23 -2.76 9.81
CA HIS B 27 16.41 -2.42 10.59
C HIS B 27 16.38 -0.93 10.93
N LEU B 28 15.96 -0.07 9.98
CA LEU B 28 15.87 1.37 10.22
C LEU B 28 15.02 1.73 11.43
N SER B 29 13.84 1.09 11.58
CA SER B 29 12.91 1.41 12.66
C SER B 29 13.23 0.79 14.01
N VAL B 30 14.29 -0.03 14.11
CA VAL B 30 14.70 -0.59 15.40
C VAL B 30 15.22 0.57 16.27
N ASP B 31 14.93 0.58 17.57
CA ASP B 31 15.45 1.58 18.49
C ASP B 31 16.99 1.57 18.50
N THR B 32 17.61 2.77 18.59
CA THR B 32 19.08 2.93 18.55
C THR B 32 19.84 2.12 19.63
N LYS B 33 19.24 1.87 20.81
CA LYS B 33 19.86 1.07 21.89
C LYS B 33 20.32 -0.34 21.44
N PHE B 34 19.60 -0.93 20.48
CA PHE B 34 19.83 -2.28 20.00
C PHE B 34 20.75 -2.36 18.78
N LYS B 35 21.21 -1.24 18.23
CA LYS B 35 22.05 -1.26 17.04
C LYS B 35 23.54 -1.27 17.37
N THR B 36 24.32 -2.11 16.66
CA THR B 36 25.77 -2.25 16.79
C THR B 36 26.36 -3.03 15.59
N GLU B 37 27.48 -2.54 15.02
CA GLU B 37 28.20 -3.19 13.90
C GLU B 37 27.34 -3.46 12.66
N GLY B 38 26.41 -2.57 12.34
CA GLY B 38 25.52 -2.73 11.20
C GLY B 38 24.44 -3.78 11.39
N LEU B 39 24.34 -4.35 12.61
CA LEU B 39 23.36 -5.37 12.99
C LEU B 39 22.56 -4.91 14.25
N CYS B 40 21.72 -5.79 14.80
CA CYS B 40 20.99 -5.52 16.02
C CYS B 40 21.29 -6.60 17.03
N VAL B 41 21.16 -6.29 18.33
CA VAL B 41 21.34 -7.30 19.37
C VAL B 41 20.07 -7.38 20.21
N ASP B 42 19.82 -8.56 20.76
CA ASP B 42 18.71 -8.77 21.67
C ASP B 42 19.27 -8.41 23.05
N ILE B 43 18.51 -7.64 23.82
CA ILE B 43 18.95 -7.27 25.16
C ILE B 43 17.95 -7.77 26.18
N PRO B 44 18.22 -8.94 26.80
CA PRO B 44 17.27 -9.48 27.79
C PRO B 44 17.12 -8.48 28.93
N GLY B 45 15.88 -8.14 29.26
CA GLY B 45 15.63 -7.12 30.26
C GLY B 45 15.01 -5.85 29.67
N ILE B 46 15.16 -5.64 28.34
CA ILE B 46 14.49 -4.54 27.66
C ILE B 46 13.36 -5.21 26.91
N PRO B 47 12.13 -5.16 27.44
CA PRO B 47 11.03 -5.91 26.83
C PRO B 47 10.37 -5.27 25.61
N LYS B 48 9.51 -6.04 24.94
CA LYS B 48 8.70 -5.57 23.81
C LYS B 48 7.64 -4.56 24.34
N ASP B 49 7.05 -3.78 23.44
CA ASP B 49 5.98 -2.86 23.81
C ASP B 49 4.69 -3.51 23.32
N MET B 50 3.75 -3.78 24.22
CA MET B 50 2.50 -4.44 23.83
C MET B 50 1.30 -3.53 23.75
N THR B 51 1.49 -2.20 23.70
CA THR B 51 0.33 -1.29 23.61
C THR B 51 0.45 -0.21 22.54
N TYR B 52 1.51 -0.21 21.71
CA TYR B 52 1.73 0.88 20.78
C TYR B 52 0.73 0.96 19.61
N ARG B 53 0.60 2.17 19.04
CA ARG B 53 -0.23 2.47 17.88
C ARG B 53 0.54 3.48 17.04
N ARG B 54 1.20 3.01 15.97
CA ARG B 54 2.04 3.90 15.15
C ARG B 54 1.49 4.07 13.72
N LEU B 55 1.07 5.29 13.38
CA LEU B 55 0.53 5.56 12.04
C LEU B 55 1.62 5.43 10.96
N ILE B 56 1.36 4.59 9.97
CA ILE B 56 2.30 4.34 8.87
C ILE B 56 1.85 5.05 7.59
N SER B 57 2.69 5.91 7.05
CA SER B 57 2.39 6.70 5.87
C SER B 57 2.31 5.90 4.56
N MET B 58 1.19 6.07 3.83
CA MET B 58 1.00 5.45 2.52
C MET B 58 1.36 6.43 1.39
N MET B 59 2.26 7.38 1.64
CA MET B 59 2.71 8.34 0.64
C MET B 59 4.05 7.89 0.13
N GLY B 60 4.20 7.69 -1.17
CA GLY B 60 5.49 7.28 -1.73
C GLY B 60 5.48 6.04 -2.59
N PHE B 61 4.29 5.48 -2.88
CA PHE B 61 4.13 4.29 -3.74
C PHE B 61 4.76 4.50 -5.12
N LYS B 62 5.29 3.42 -5.69
CA LYS B 62 5.98 3.44 -6.98
C LYS B 62 5.52 2.23 -7.76
N MET B 63 4.65 2.41 -8.77
CA MET B 63 4.12 1.27 -9.51
C MET B 63 4.94 0.89 -10.76
N ASN B 64 6.25 0.68 -10.61
CA ASN B 64 7.11 0.37 -11.75
C ASN B 64 7.59 -1.08 -11.81
N TYR B 65 6.79 -2.00 -11.29
CA TYR B 65 7.05 -3.44 -11.31
C TYR B 65 6.94 -3.97 -12.76
N GLN B 66 7.73 -5.01 -13.07
CA GLN B 66 7.75 -5.67 -14.37
C GLN B 66 7.52 -7.14 -14.06
N VAL B 67 6.26 -7.55 -13.92
CA VAL B 67 5.97 -8.94 -13.56
C VAL B 67 5.08 -9.60 -14.62
N ASN B 68 5.53 -10.74 -15.15
CA ASN B 68 4.84 -11.54 -16.18
C ASN B 68 3.40 -11.82 -15.76
N GLY B 69 2.45 -11.46 -16.63
CA GLY B 69 1.04 -11.70 -16.38
C GLY B 69 0.33 -10.65 -15.53
N TYR B 70 1.06 -9.64 -15.08
CA TYR B 70 0.47 -8.56 -14.29
C TYR B 70 0.53 -7.32 -15.17
N PRO B 71 -0.62 -6.78 -15.57
CA PRO B 71 -0.60 -5.57 -16.40
C PRO B 71 -0.04 -4.37 -15.64
N ASN B 72 0.48 -3.40 -16.38
CA ASN B 72 1.00 -2.18 -15.78
C ASN B 72 -0.15 -1.22 -15.48
N MET B 73 -0.16 -0.56 -14.32
CA MET B 73 -1.22 0.40 -14.00
C MET B 73 -1.00 1.69 -14.82
N PHE B 74 0.23 2.22 -14.80
CA PHE B 74 0.56 3.44 -15.52
C PHE B 74 0.82 3.14 -16.99
N ILE B 75 0.02 3.73 -17.88
CA ILE B 75 0.09 3.46 -19.31
C ILE B 75 0.67 4.62 -20.10
N THR B 76 1.10 4.36 -21.35
CA THR B 76 1.63 5.39 -22.22
C THR B 76 0.50 6.32 -22.70
N ARG B 77 0.86 7.50 -23.22
N ARG B 77 0.87 7.50 -23.22
CA ARG B 77 -0.08 8.48 -23.76
CA ARG B 77 -0.04 8.48 -23.78
C ARG B 77 -0.80 7.90 -24.99
C ARG B 77 -0.80 7.90 -24.98
N GLU B 78 -0.10 7.11 -25.81
CA GLU B 78 -0.69 6.50 -26.99
C GLU B 78 -1.70 5.43 -26.64
N GLU B 79 -1.45 4.68 -25.54
CA GLU B 79 -2.40 3.66 -25.08
C GLU B 79 -3.60 4.33 -24.41
N ALA B 80 -3.36 5.44 -23.67
CA ALA B 80 -4.44 6.23 -23.05
C ALA B 80 -5.33 6.80 -24.16
N ILE B 81 -4.73 7.27 -25.29
CA ILE B 81 -5.51 7.81 -26.40
C ILE B 81 -6.46 6.75 -26.97
N ARG B 82 -5.98 5.52 -27.19
CA ARG B 82 -6.77 4.40 -27.69
C ARG B 82 -7.97 4.13 -26.78
N HIS B 83 -7.80 4.33 -25.47
CA HIS B 83 -8.85 4.11 -24.47
C HIS B 83 -9.47 5.40 -23.92
N VAL B 84 -9.67 6.42 -24.78
CA VAL B 84 -10.25 7.68 -24.33
C VAL B 84 -11.69 7.50 -23.79
N ARG B 85 -12.42 6.48 -24.25
CA ARG B 85 -13.77 6.21 -23.71
C ARG B 85 -13.75 5.77 -22.23
N ALA B 86 -12.59 5.26 -21.76
CA ALA B 86 -12.39 4.81 -20.38
C ALA B 86 -11.90 5.90 -19.44
N TRP B 87 -11.66 7.12 -19.95
CA TRP B 87 -11.12 8.22 -19.15
C TRP B 87 -12.07 8.74 -18.07
N ILE B 88 -11.59 8.68 -16.83
CA ILE B 88 -12.27 9.23 -15.66
C ILE B 88 -11.21 10.10 -14.96
N GLY B 89 -11.41 11.41 -14.93
CA GLY B 89 -10.51 12.32 -14.23
C GLY B 89 -10.62 12.08 -12.74
N PHE B 90 -9.51 12.16 -12.00
CA PHE B 90 -9.55 11.87 -10.58
C PHE B 90 -8.65 12.78 -9.76
N ASP B 91 -9.18 13.32 -8.66
CA ASP B 91 -8.43 14.20 -7.76
C ASP B 91 -8.88 13.95 -6.32
N VAL B 92 -7.95 14.08 -5.35
CA VAL B 92 -8.29 13.89 -3.95
C VAL B 92 -7.79 15.07 -3.13
N GLU B 93 -8.68 15.68 -2.34
CA GLU B 93 -8.28 16.70 -1.39
C GLU B 93 -8.14 15.94 -0.08
N GLY B 94 -7.02 16.14 0.58
CA GLY B 94 -6.72 15.42 1.79
C GLY B 94 -6.69 16.26 3.04
N CYS B 95 -6.58 15.58 4.17
CA CYS B 95 -6.43 16.23 5.45
C CYS B 95 -5.11 15.73 6.10
N HIS B 96 -4.60 16.45 7.09
CA HIS B 96 -3.32 16.10 7.73
C HIS B 96 -3.51 15.30 8.99
N ALA B 97 -2.63 14.32 9.23
CA ALA B 97 -2.68 13.55 10.49
C ALA B 97 -2.34 14.49 11.65
N THR B 98 -3.05 14.33 12.76
CA THR B 98 -2.84 15.20 13.91
C THR B 98 -2.90 14.42 15.25
N ARG B 99 -2.53 15.10 16.36
CA ARG B 99 -2.60 14.63 17.74
C ARG B 99 -1.67 13.42 18.01
N GLU B 100 -2.14 12.18 17.82
CA GLU B 100 -1.31 10.98 18.04
C GLU B 100 -0.31 10.69 16.91
N ALA B 101 -0.33 11.49 15.83
CA ALA B 101 0.54 11.30 14.69
C ALA B 101 0.71 12.57 13.88
N VAL B 102 1.83 12.72 13.16
CA VAL B 102 2.09 13.88 12.31
C VAL B 102 3.05 13.47 11.18
N GLY B 103 2.76 13.89 9.96
CA GLY B 103 3.63 13.57 8.83
C GLY B 103 2.98 12.93 7.62
N THR B 104 1.65 12.72 7.63
CA THR B 104 1.00 12.10 6.46
C THR B 104 -0.38 12.66 6.19
N ASN B 105 -0.81 12.53 4.93
CA ASN B 105 -2.12 12.97 4.51
C ASN B 105 -3.05 11.80 4.30
N LEU B 106 -4.32 12.00 4.62
CA LEU B 106 -5.34 10.99 4.51
C LEU B 106 -6.41 11.48 3.55
N PRO B 107 -7.02 10.56 2.75
CA PRO B 107 -8.08 11.00 1.83
C PRO B 107 -9.28 11.59 2.58
N LEU B 108 -9.81 12.71 2.08
CA LEU B 108 -10.96 13.40 2.68
C LEU B 108 -12.05 13.57 1.61
N GLN B 109 -11.75 14.27 0.52
CA GLN B 109 -12.70 14.44 -0.57
C GLN B 109 -12.19 13.83 -1.87
N LEU B 110 -12.90 12.82 -2.37
CA LEU B 110 -12.55 12.15 -3.59
C LEU B 110 -13.44 12.65 -4.72
N GLY B 111 -12.81 13.28 -5.70
CA GLY B 111 -13.49 13.87 -6.84
C GLY B 111 -13.20 13.18 -8.16
N PHE B 112 -14.24 13.06 -8.98
CA PHE B 112 -14.20 12.40 -10.27
C PHE B 112 -14.74 13.34 -11.36
N SER B 113 -14.32 13.15 -12.63
CA SER B 113 -14.81 14.00 -13.72
C SER B 113 -16.30 13.79 -14.00
N THR B 114 -16.92 12.75 -13.42
CA THR B 114 -18.36 12.51 -13.52
C THR B 114 -19.18 13.53 -12.69
N GLY B 115 -18.51 14.43 -11.94
CA GLY B 115 -19.17 15.41 -11.09
C GLY B 115 -19.37 14.97 -9.65
N VAL B 116 -19.00 13.72 -9.33
CA VAL B 116 -19.14 13.10 -8.02
C VAL B 116 -18.03 13.48 -7.04
N ASN B 117 -18.43 13.79 -5.80
CA ASN B 117 -17.57 14.07 -4.67
C ASN B 117 -18.03 13.11 -3.56
N LEU B 118 -17.08 12.32 -3.00
CA LEU B 118 -17.37 11.40 -1.92
C LEU B 118 -16.51 11.79 -0.73
N VAL B 119 -17.13 11.93 0.45
CA VAL B 119 -16.38 12.34 1.64
C VAL B 119 -16.11 11.13 2.51
N ALA B 120 -14.84 10.89 2.85
CA ALA B 120 -14.50 9.74 3.68
C ALA B 120 -14.10 10.18 5.07
N VAL B 121 -14.32 9.29 6.04
CA VAL B 121 -13.85 9.48 7.42
C VAL B 121 -12.31 9.42 7.35
N PRO B 122 -11.55 10.34 7.98
CA PRO B 122 -10.07 10.27 7.90
C PRO B 122 -9.58 8.96 8.51
N THR B 123 -9.01 8.08 7.67
CA THR B 123 -8.53 6.78 8.13
CA THR B 123 -8.59 6.74 8.07
C THR B 123 -7.13 6.49 7.67
N GLY B 124 -6.36 5.84 8.54
CA GLY B 124 -4.97 5.52 8.29
C GLY B 124 -4.60 4.09 8.61
N TYR B 125 -3.35 3.71 8.30
CA TYR B 125 -2.86 2.37 8.54
C TYR B 125 -1.98 2.41 9.76
N VAL B 126 -2.52 1.92 10.88
CA VAL B 126 -1.85 2.00 12.16
C VAL B 126 -1.23 0.68 12.58
N ASP B 127 0.10 0.65 12.72
CA ASP B 127 0.77 -0.56 13.20
C ASP B 127 0.61 -0.72 14.71
N THR B 128 0.41 -1.97 15.12
CA THR B 128 0.22 -2.39 16.51
C THR B 128 1.16 -3.60 16.78
N PRO B 129 1.28 -4.09 18.03
CA PRO B 129 2.13 -5.26 18.27
C PRO B 129 1.66 -6.55 17.59
N ASN B 130 0.44 -6.56 17.03
CA ASN B 130 -0.12 -7.77 16.44
C ASN B 130 -0.34 -7.72 14.94
N ASN B 131 -0.59 -6.52 14.40
CA ASN B 131 -0.93 -6.40 13.00
C ASN B 131 -1.02 -4.91 12.56
N THR B 132 -1.62 -4.62 11.38
CA THR B 132 -1.88 -3.27 10.91
C THR B 132 -3.39 -3.08 11.01
N ASP B 133 -3.80 -2.08 11.73
CA ASP B 133 -5.19 -1.78 11.96
C ASP B 133 -5.57 -0.57 11.10
N PHE B 134 -6.40 -0.83 10.08
CA PHE B 134 -6.96 0.17 9.18
C PHE B 134 -8.08 0.79 9.98
N SER B 135 -7.89 1.99 10.52
CA SER B 135 -8.89 2.59 11.39
C SER B 135 -8.90 4.12 11.37
N ARG B 136 -9.98 4.74 11.90
CA ARG B 136 -10.11 6.20 11.96
C ARG B 136 -8.95 6.80 12.73
N VAL B 137 -8.40 7.90 12.22
CA VAL B 137 -7.31 8.57 12.89
C VAL B 137 -7.66 10.06 13.09
N SER B 138 -7.08 10.73 14.10
CA SER B 138 -7.31 12.16 14.31
C SER B 138 -6.71 12.91 13.14
N ALA B 139 -7.42 13.90 12.62
CA ALA B 139 -6.94 14.64 11.47
C ALA B 139 -7.47 16.07 11.45
N LYS B 140 -6.75 16.97 10.78
CA LYS B 140 -7.18 18.35 10.64
C LYS B 140 -7.14 18.76 9.16
N PRO B 141 -8.08 19.62 8.71
CA PRO B 141 -8.00 20.12 7.33
C PRO B 141 -6.72 20.93 7.12
N PRO B 142 -6.16 20.99 5.89
CA PRO B 142 -4.92 21.74 5.68
C PRO B 142 -5.01 23.20 6.10
N PRO B 143 -3.97 23.69 6.80
CA PRO B 143 -3.99 25.09 7.26
C PRO B 143 -3.98 26.05 6.07
N GLY B 144 -5.10 26.72 5.86
CA GLY B 144 -5.25 27.65 4.75
C GLY B 144 -6.67 28.16 4.58
N ASP B 145 -6.86 29.14 3.68
CA ASP B 145 -8.18 29.72 3.46
C ASP B 145 -8.87 29.22 2.19
N GLN B 146 -8.10 28.72 1.21
CA GLN B 146 -8.70 28.10 0.02
C GLN B 146 -9.26 26.67 0.34
N PHE B 147 -8.97 26.16 1.55
CA PHE B 147 -9.39 24.88 2.09
C PHE B 147 -10.34 25.08 3.30
N LYS B 148 -11.05 26.22 3.37
CA LYS B 148 -12.02 26.45 4.45
C LYS B 148 -13.30 25.60 4.24
N HIS B 149 -13.58 25.20 2.98
CA HIS B 149 -14.69 24.32 2.63
C HIS B 149 -14.47 22.87 3.13
N LEU B 150 -13.23 22.51 3.50
CA LEU B 150 -12.90 21.18 4.00
C LEU B 150 -13.22 21.01 5.48
N ILE B 151 -13.31 22.12 6.25
CA ILE B 151 -13.61 22.06 7.69
C ILE B 151 -14.95 21.34 8.00
N PRO B 152 -16.08 21.65 7.33
CA PRO B 152 -17.32 20.91 7.62
C PRO B 152 -17.23 19.43 7.22
N LEU B 153 -16.44 19.11 6.18
CA LEU B 153 -16.29 17.74 5.69
C LEU B 153 -15.66 16.80 6.71
N MET B 154 -14.95 17.31 7.71
CA MET B 154 -14.34 16.45 8.74
C MET B 154 -15.40 15.65 9.54
N TYR B 155 -16.65 16.13 9.55
CA TYR B 155 -17.77 15.47 10.26
C TYR B 155 -18.83 14.89 9.33
N LYS B 156 -18.69 15.07 8.01
CA LYS B 156 -19.65 14.55 7.04
C LYS B 156 -19.12 13.36 6.23
N GLY B 157 -18.12 12.65 6.75
CA GLY B 157 -17.52 11.53 6.04
C GLY B 157 -18.15 10.18 6.29
N LEU B 158 -17.96 9.26 5.34
CA LEU B 158 -18.47 7.92 5.41
C LEU B 158 -17.34 6.90 5.64
N PRO B 159 -17.62 5.78 6.32
CA PRO B 159 -16.56 4.77 6.50
C PRO B 159 -16.08 4.22 5.16
N TRP B 160 -14.77 3.95 5.03
CA TRP B 160 -14.18 3.47 3.77
C TRP B 160 -14.85 2.22 3.18
N ASN B 161 -15.39 1.31 4.02
CA ASN B 161 -16.10 0.14 3.50
C ASN B 161 -17.32 0.54 2.62
N VAL B 162 -17.90 1.72 2.90
CA VAL B 162 -19.03 2.27 2.16
C VAL B 162 -18.51 3.09 0.96
N VAL B 163 -17.51 3.95 1.19
CA VAL B 163 -16.93 4.78 0.15
C VAL B 163 -16.46 3.99 -1.07
N ARG B 164 -15.74 2.88 -0.87
CA ARG B 164 -15.24 2.08 -1.98
C ARG B 164 -16.37 1.37 -2.74
N ILE B 165 -17.49 1.02 -2.06
CA ILE B 165 -18.64 0.45 -2.75
C ILE B 165 -19.26 1.53 -3.67
N LYS B 166 -19.37 2.76 -3.18
CA LYS B 166 -19.88 3.88 -3.95
C LYS B 166 -18.98 4.20 -5.16
N ILE B 167 -17.65 4.09 -5.00
CA ILE B 167 -16.74 4.34 -6.12
C ILE B 167 -16.96 3.29 -7.19
N VAL B 168 -16.96 2.01 -6.81
CA VAL B 168 -17.18 0.90 -7.74
C VAL B 168 -18.52 1.05 -8.45
N GLN B 169 -19.56 1.46 -7.73
CA GLN B 169 -20.89 1.65 -8.30
C GLN B 169 -20.90 2.80 -9.32
N MET B 170 -20.30 3.93 -8.96
CA MET B 170 -20.25 5.10 -9.84
C MET B 170 -19.50 4.79 -11.13
N LEU B 171 -18.36 4.09 -11.02
CA LEU B 171 -17.56 3.74 -12.19
C LEU B 171 -18.26 2.71 -13.04
N SER B 172 -18.91 1.72 -12.41
CA SER B 172 -19.66 0.70 -13.13
C SER B 172 -20.81 1.31 -13.92
N ASP B 173 -21.60 2.21 -13.31
CA ASP B 173 -22.69 2.86 -13.99
C ASP B 173 -22.19 3.66 -15.20
N THR B 174 -21.09 4.41 -15.00
CA THR B 174 -20.49 5.28 -16.01
C THR B 174 -19.83 4.53 -17.16
N LEU B 175 -19.13 3.42 -16.89
CA LEU B 175 -18.34 2.76 -17.90
C LEU B 175 -18.90 1.49 -18.51
N LYS B 176 -20.01 0.94 -18.01
CA LYS B 176 -20.53 -0.32 -18.56
C LYS B 176 -20.77 -0.29 -20.09
N ASN B 177 -21.30 0.81 -20.62
CA ASN B 177 -21.53 0.91 -22.07
C ASN B 177 -20.44 1.71 -22.81
N LEU B 178 -19.28 1.97 -22.18
CA LEU B 178 -18.23 2.77 -22.80
C LEU B 178 -16.92 2.03 -22.99
N SER B 179 -16.52 1.23 -22.01
CA SER B 179 -15.22 0.57 -22.06
C SER B 179 -15.16 -0.71 -21.23
N ASP B 180 -14.15 -1.52 -21.48
CA ASP B 180 -13.87 -2.71 -20.69
C ASP B 180 -12.81 -2.37 -19.61
N ARG B 181 -12.61 -1.06 -19.27
CA ARG B 181 -11.53 -0.57 -18.42
C ARG B 181 -11.90 0.75 -17.73
N VAL B 182 -11.02 1.19 -16.84
CA VAL B 182 -11.05 2.53 -16.32
C VAL B 182 -9.62 3.07 -16.48
N VAL B 183 -9.48 4.30 -16.96
CA VAL B 183 -8.20 4.98 -17.03
C VAL B 183 -8.39 6.23 -16.19
N PHE B 184 -7.73 6.31 -15.02
CA PHE B 184 -7.83 7.51 -14.20
C PHE B 184 -6.88 8.55 -14.79
N VAL B 185 -7.38 9.74 -15.10
CA VAL B 185 -6.60 10.81 -15.69
C VAL B 185 -6.23 11.70 -14.50
N LEU B 186 -4.92 11.80 -14.21
CA LEU B 186 -4.43 12.49 -13.01
C LEU B 186 -3.52 13.70 -13.34
N TRP B 187 -3.25 14.54 -12.32
CA TRP B 187 -2.33 15.67 -12.41
C TRP B 187 -1.59 15.62 -11.07
N ALA B 188 -0.26 15.37 -11.06
CA ALA B 188 0.59 15.18 -9.85
C ALA B 188 -0.03 14.01 -9.06
N HIS B 189 0.12 12.80 -9.61
CA HIS B 189 -0.52 11.56 -9.23
C HIS B 189 -0.30 11.04 -7.81
N GLY B 190 0.78 11.47 -7.17
CA GLY B 190 1.19 10.99 -5.85
C GLY B 190 0.12 10.69 -4.83
N PHE B 191 -0.65 11.72 -4.45
CA PHE B 191 -1.69 11.55 -3.45
C PHE B 191 -2.89 10.75 -3.96
N GLU B 192 -3.17 10.81 -5.28
CA GLU B 192 -4.28 10.02 -5.83
C GLU B 192 -3.90 8.54 -5.80
N LEU B 193 -2.61 8.19 -6.04
CA LEU B 193 -2.10 6.81 -5.98
C LEU B 193 -2.17 6.29 -4.52
N THR B 194 -1.86 7.16 -3.56
CA THR B 194 -1.97 6.86 -2.12
C THR B 194 -3.44 6.54 -1.80
N SER B 195 -4.35 7.37 -2.29
CA SER B 195 -5.79 7.22 -2.11
C SER B 195 -6.31 5.94 -2.76
N MET B 196 -5.70 5.52 -3.89
CA MET B 196 -6.05 4.28 -4.57
C MET B 196 -5.81 3.05 -3.69
N LYS B 197 -4.83 3.10 -2.78
CA LYS B 197 -4.54 1.99 -1.85
C LYS B 197 -5.79 1.61 -1.03
N TYR B 198 -6.68 2.59 -0.79
CA TYR B 198 -7.92 2.44 -0.05
C TYR B 198 -9.05 1.79 -0.87
N PHE B 199 -8.91 1.58 -2.20
CA PHE B 199 -10.02 1.01 -3.00
C PHE B 199 -9.62 0.26 -4.26
N VAL B 200 -8.32 -0.03 -4.41
CA VAL B 200 -7.83 -0.73 -5.59
C VAL B 200 -7.08 -1.98 -5.18
N LYS B 201 -7.26 -3.04 -5.96
CA LYS B 201 -6.55 -4.29 -5.84
C LYS B 201 -6.00 -4.64 -7.23
N ILE B 202 -4.84 -5.29 -7.27
CA ILE B 202 -4.22 -5.66 -8.54
C ILE B 202 -3.81 -7.15 -8.54
N GLY B 203 -3.58 -7.68 -9.73
CA GLY B 203 -3.14 -9.05 -9.93
C GLY B 203 -3.15 -9.39 -11.40
N PRO B 204 -3.10 -10.69 -11.73
CA PRO B 204 -3.21 -11.08 -13.14
C PRO B 204 -4.60 -10.75 -13.71
N GLU B 205 -4.70 -10.61 -15.04
CA GLU B 205 -6.00 -10.36 -15.68
C GLU B 205 -6.95 -11.54 -15.42
N ARG B 206 -8.18 -11.23 -15.02
CA ARG B 206 -9.20 -12.24 -14.76
C ARG B 206 -10.46 -11.99 -15.62
N THR B 207 -11.37 -12.98 -15.66
CA THR B 207 -12.64 -12.80 -16.36
C THR B 207 -13.77 -12.60 -15.35
N CYS B 208 -14.89 -12.05 -15.80
CA CYS B 208 -16.04 -11.88 -14.94
C CYS B 208 -16.60 -13.28 -14.55
N CYS B 209 -17.19 -13.37 -13.35
CA CYS B 209 -17.75 -14.64 -12.91
C CYS B 209 -19.09 -14.96 -13.65
N LEU B 210 -19.77 -13.94 -14.16
CA LEU B 210 -21.04 -14.10 -14.87
C LEU B 210 -20.95 -13.99 -16.40
N CYS B 211 -19.80 -13.56 -16.95
CA CYS B 211 -19.66 -13.43 -18.40
C CYS B 211 -18.20 -13.56 -18.89
N ASP B 212 -17.97 -13.40 -20.20
CA ASP B 212 -16.66 -13.50 -20.81
C ASP B 212 -15.87 -12.17 -20.79
N ARG B 213 -16.48 -11.05 -20.34
CA ARG B 213 -15.77 -9.77 -20.28
C ARG B 213 -14.64 -9.79 -19.25
N ARG B 214 -13.61 -8.95 -19.45
CA ARG B 214 -12.52 -8.86 -18.49
C ARG B 214 -13.03 -8.26 -17.18
N ALA B 215 -12.44 -8.69 -16.06
CA ALA B 215 -12.81 -8.24 -14.73
C ALA B 215 -12.21 -6.88 -14.43
N THR B 216 -13.07 -5.97 -13.99
CA THR B 216 -12.73 -4.62 -13.59
C THR B 216 -13.00 -4.39 -12.08
N CYS B 217 -13.68 -5.34 -11.39
CA CYS B 217 -14.07 -5.21 -9.98
C CYS B 217 -13.73 -6.46 -9.19
N PHE B 218 -13.59 -6.30 -7.87
CA PHE B 218 -13.26 -7.42 -6.98
C PHE B 218 -14.09 -7.33 -5.71
N SER B 219 -14.49 -8.49 -5.18
CA SER B 219 -15.29 -8.55 -3.96
C SER B 219 -14.48 -9.30 -2.91
N THR B 220 -14.23 -8.70 -1.75
CA THR B 220 -13.47 -9.36 -0.68
C THR B 220 -14.31 -10.43 0.01
N ALA B 221 -15.62 -10.14 0.21
CA ALA B 221 -16.59 -11.02 0.85
C ALA B 221 -16.72 -12.38 0.16
N SER B 222 -16.71 -12.39 -1.18
CA SER B 222 -16.86 -13.64 -1.91
C SER B 222 -15.61 -14.09 -2.66
N ASP B 223 -14.54 -13.27 -2.71
CA ASP B 223 -13.31 -13.57 -3.46
C ASP B 223 -13.68 -13.81 -4.94
N THR B 224 -14.51 -12.94 -5.48
CA THR B 224 -14.98 -13.04 -6.87
C THR B 224 -14.66 -11.77 -7.67
N TYR B 225 -14.66 -11.90 -9.00
CA TYR B 225 -14.37 -10.82 -9.94
C TYR B 225 -15.56 -10.55 -10.82
N ALA B 226 -15.76 -9.28 -11.18
CA ALA B 226 -16.86 -8.91 -12.04
C ALA B 226 -16.52 -7.81 -13.02
N CYS B 227 -17.22 -7.78 -14.15
CA CYS B 227 -17.07 -6.71 -15.14
C CYS B 227 -17.90 -5.49 -14.61
N TRP B 228 -17.98 -4.38 -15.38
CA TRP B 228 -18.77 -3.23 -14.93
C TRP B 228 -20.29 -3.54 -14.95
N HIS B 229 -20.74 -4.60 -15.68
CA HIS B 229 -22.17 -4.91 -15.74
C HIS B 229 -22.68 -5.74 -14.57
N HIS B 230 -21.81 -6.51 -13.91
CA HIS B 230 -22.24 -7.43 -12.85
C HIS B 230 -21.54 -7.18 -11.51
N SER B 231 -21.15 -5.95 -11.22
CA SER B 231 -20.38 -5.63 -10.02
C SER B 231 -21.20 -5.11 -8.84
N ILE B 232 -22.52 -5.33 -8.82
CA ILE B 232 -23.36 -4.82 -7.73
C ILE B 232 -22.92 -5.40 -6.37
N GLY B 233 -22.62 -4.52 -5.43
CA GLY B 233 -22.15 -4.91 -4.11
C GLY B 233 -20.64 -5.09 -3.99
N PHE B 234 -19.90 -5.01 -5.12
CA PHE B 234 -18.44 -5.18 -5.11
C PHE B 234 -17.76 -3.99 -4.44
N ASP B 235 -16.68 -4.25 -3.70
CA ASP B 235 -16.02 -3.20 -2.95
C ASP B 235 -14.70 -2.70 -3.56
N TYR B 236 -14.06 -3.46 -4.46
CA TYR B 236 -12.77 -3.02 -5.00
C TYR B 236 -12.72 -2.81 -6.49
N VAL B 237 -11.92 -1.81 -6.90
CA VAL B 237 -11.61 -1.54 -8.30
C VAL B 237 -10.44 -2.47 -8.60
N TYR B 238 -10.59 -3.31 -9.61
CA TYR B 238 -9.60 -4.30 -9.97
C TYR B 238 -8.88 -3.99 -11.28
N ASN B 239 -7.53 -4.07 -11.25
CA ASN B 239 -6.63 -3.78 -12.36
C ASN B 239 -6.99 -2.49 -13.12
N PRO B 240 -7.09 -1.33 -12.43
CA PRO B 240 -7.32 -0.08 -13.16
C PRO B 240 -6.05 0.39 -13.89
N PHE B 241 -6.23 1.35 -14.77
CA PHE B 241 -5.15 1.98 -15.49
C PHE B 241 -5.16 3.47 -15.16
N MET B 242 -4.07 4.17 -15.47
CA MET B 242 -3.95 5.58 -15.12
C MET B 242 -2.80 6.26 -15.86
N ILE B 243 -2.84 7.59 -15.87
CA ILE B 243 -1.82 8.39 -16.53
C ILE B 243 -1.72 9.75 -15.83
N ASP B 244 -0.51 10.32 -15.78
CA ASP B 244 -0.29 11.61 -15.12
C ASP B 244 -0.04 12.72 -16.16
N VAL B 245 -1.08 13.53 -16.41
CA VAL B 245 -1.07 14.63 -17.36
C VAL B 245 0.01 15.66 -17.06
N GLN B 246 0.32 15.90 -15.77
CA GLN B 246 1.37 16.83 -15.36
C GLN B 246 2.73 16.45 -15.99
N GLN B 247 2.97 15.15 -16.16
CA GLN B 247 4.23 14.67 -16.70
C GLN B 247 4.41 14.85 -18.20
N TRP B 248 3.46 15.48 -18.87
CA TRP B 248 3.55 15.69 -20.32
C TRP B 248 4.31 16.97 -20.71
N GLY B 249 5.13 17.50 -19.81
CA GLY B 249 5.91 18.70 -20.07
C GLY B 249 5.25 20.05 -19.81
N PHE B 250 4.13 20.10 -19.06
CA PHE B 250 3.48 21.39 -18.76
C PHE B 250 4.30 22.14 -17.70
N THR B 251 4.39 23.47 -17.81
CA THR B 251 5.21 24.22 -16.85
C THR B 251 4.41 24.65 -15.60
N GLY B 252 3.24 25.25 -15.76
CA GLY B 252 2.50 25.76 -14.61
C GLY B 252 1.59 24.77 -13.88
N ASN B 253 0.63 25.30 -13.10
CA ASN B 253 -0.32 24.46 -12.36
C ASN B 253 -1.48 23.96 -13.27
N LEU B 254 -2.33 23.07 -12.76
CA LEU B 254 -3.47 22.52 -13.51
C LEU B 254 -4.38 23.60 -14.15
N GLN B 255 -4.92 24.52 -13.32
CA GLN B 255 -5.84 25.53 -13.77
C GLN B 255 -5.28 26.41 -14.87
N SER B 256 -4.04 26.91 -14.71
CA SER B 256 -3.44 27.75 -15.75
C SER B 256 -3.21 27.05 -17.08
N ASN B 257 -2.95 25.73 -17.08
CA ASN B 257 -2.76 25.00 -18.35
C ASN B 257 -4.12 24.67 -18.98
N HIS B 258 -5.08 24.29 -18.14
CA HIS B 258 -6.45 23.99 -18.55
C HIS B 258 -7.06 25.22 -19.23
N ASP B 259 -6.94 26.39 -18.57
CA ASP B 259 -7.52 27.64 -19.04
C ASP B 259 -7.00 28.12 -20.36
N LEU B 260 -5.88 27.58 -20.86
CA LEU B 260 -5.38 27.98 -22.17
C LEU B 260 -6.27 27.47 -23.29
N TYR B 261 -6.87 26.29 -23.12
CA TYR B 261 -7.73 25.72 -24.16
C TYR B 261 -9.22 25.81 -23.86
N CYS B 262 -9.59 25.97 -22.59
CA CYS B 262 -10.98 25.92 -22.19
C CYS B 262 -11.40 27.03 -21.22
N GLN B 263 -12.59 27.63 -21.48
CA GLN B 263 -13.14 28.69 -20.65
C GLN B 263 -14.52 28.36 -20.06
N VAL B 264 -14.90 27.08 -20.04
CA VAL B 264 -16.22 26.68 -19.55
C VAL B 264 -16.18 25.86 -18.24
N HIS B 265 -14.97 25.63 -17.67
CA HIS B 265 -14.84 24.88 -16.42
C HIS B 265 -14.18 25.78 -15.36
N GLY B 266 -15.00 26.47 -14.59
CA GLY B 266 -14.53 27.38 -13.55
C GLY B 266 -13.96 26.63 -12.36
N ASN B 267 -13.09 27.29 -11.58
CA ASN B 267 -12.52 26.61 -10.42
C ASN B 267 -13.35 26.80 -9.17
N ALA B 268 -14.33 25.92 -8.96
CA ALA B 268 -15.12 25.96 -7.72
C ALA B 268 -14.30 25.44 -6.50
N HIS B 269 -13.01 25.04 -6.71
CA HIS B 269 -12.01 24.58 -5.73
C HIS B 269 -12.37 23.29 -5.00
N VAL B 270 -13.21 22.46 -5.61
CA VAL B 270 -13.61 21.18 -5.05
C VAL B 270 -12.89 20.05 -5.82
N ALA B 271 -12.70 18.88 -5.18
CA ALA B 271 -12.00 17.75 -5.80
C ALA B 271 -12.52 17.38 -7.19
N SER B 272 -13.86 17.32 -7.38
CA SER B 272 -14.47 16.97 -8.66
C SER B 272 -14.13 17.97 -9.77
N CYS B 273 -14.00 19.25 -9.41
N CYS B 273 -14.00 19.24 -9.42
CA CYS B 273 -13.66 20.32 -10.36
CA CYS B 273 -13.66 20.28 -10.40
C CYS B 273 -12.24 20.15 -10.91
C CYS B 273 -12.24 20.15 -10.92
N ASP B 274 -11.30 19.72 -10.08
CA ASP B 274 -9.91 19.49 -10.53
C ASP B 274 -9.88 18.25 -11.44
N ALA B 275 -10.66 17.22 -11.10
CA ALA B 275 -10.78 16.00 -11.88
C ALA B 275 -11.38 16.31 -13.26
N ILE B 276 -12.39 17.19 -13.32
CA ILE B 276 -13.01 17.61 -14.58
C ILE B 276 -11.96 18.35 -15.47
N MET B 277 -11.24 19.29 -14.86
CA MET B 277 -10.22 20.08 -15.55
C MET B 277 -9.08 19.20 -16.06
N THR B 278 -8.71 18.17 -15.29
CA THR B 278 -7.63 17.24 -15.66
C THR B 278 -7.97 16.46 -16.92
N ARG B 279 -9.18 15.87 -16.98
CA ARG B 279 -9.65 15.11 -18.13
C ARG B 279 -9.83 16.05 -19.34
N CYS B 280 -10.38 17.25 -19.10
CA CYS B 280 -10.59 18.24 -20.16
C CYS B 280 -9.25 18.61 -20.82
N LEU B 281 -8.22 18.95 -20.01
CA LEU B 281 -6.89 19.28 -20.51
C LEU B 281 -6.31 18.10 -21.28
N ALA B 282 -6.46 16.88 -20.78
CA ALA B 282 -5.97 15.69 -21.45
C ALA B 282 -6.63 15.52 -22.83
N VAL B 283 -7.95 15.81 -22.94
CA VAL B 283 -8.66 15.72 -24.21
C VAL B 283 -8.08 16.74 -25.18
N HIS B 284 -8.04 18.03 -24.79
CA HIS B 284 -7.52 19.09 -25.65
C HIS B 284 -6.07 18.86 -26.09
N GLU B 285 -5.19 18.50 -25.18
CA GLU B 285 -3.78 18.28 -25.48
C GLU B 285 -3.60 17.08 -26.40
N CYS B 286 -4.35 15.99 -26.17
CA CYS B 286 -4.20 14.75 -26.94
C CYS B 286 -4.84 14.75 -28.31
N PHE B 287 -5.97 15.45 -28.52
CA PHE B 287 -6.70 15.34 -29.78
C PHE B 287 -6.67 16.58 -30.68
N VAL B 288 -6.21 17.74 -30.18
CA VAL B 288 -6.07 18.92 -31.03
C VAL B 288 -4.65 18.89 -31.60
ZN ZN C . 3.37 -10.22 10.16
ZN ZN D . 9.77 -32.26 13.13
N1 A1IGJ E . -4.97 -9.07 9.31
N3 A1IGJ E . -6.77 -7.96 9.85
C4 A1IGJ E . -5.69 -7.27 10.30
C5 A1IGJ E . -8.18 -7.58 9.94
C6 A1IGJ E . -9.07 -8.74 9.57
C1 A1IGJ E . -8.59 -9.44 8.33
C2 A1IGJ E . -7.21 -10.05 8.55
C3 A1IGJ E . -6.30 -9.04 9.18
N2 A1IGJ E . -4.60 -7.94 9.98
ZN ZN F . -19.69 -9.70 -16.49
ZN ZN G . -12.37 22.52 -19.48
N1 A1IGJ H . -15.98 11.04 -17.24
N3 A1IGJ H . -17.42 12.02 -18.54
C4 A1IGJ H . -16.86 12.96 -17.73
C5 A1IGJ H . -18.44 12.22 -19.57
C6 A1IGJ H . -18.49 11.02 -20.48
C1 A1IGJ H . -18.51 9.73 -19.70
C2 A1IGJ H . -17.25 9.55 -18.87
C3 A1IGJ H . -16.88 10.84 -18.19
N2 A1IGJ H . -15.99 12.37 -16.94
MG MG I . -7.08 19.18 -5.91
#